data_3KQB
#
_entry.id   3KQB
#
_cell.length_a   56.700
_cell.length_b   72.300
_cell.length_c   77.700
_cell.angle_alpha   90.00
_cell.angle_beta   90.00
_cell.angle_gamma   90.00
#
_symmetry.space_group_name_H-M   'P 21 21 21'
#
loop_
_entity.id
_entity.type
_entity.pdbx_description
1 polymer 'factor Xa heavy chain'
2 polymer 'factor Xa light chain'
3 non-polymer "N-(3-FLUORO-2'-(METHYLSULFONYL)BIPHENYL-4-YL)-1-(3-(5-OXO-4,5-DIHYDRO-1H-1,2,4-TRIAZOL-3-YL)PHENYL)-3-(TRIFLUOROMETHYL)-1H-PYRAZOLE-5-CARBOXAMIDE"
4 non-polymer 'SODIUM ION'
5 water water
#
loop_
_entity_poly.entity_id
_entity_poly.type
_entity_poly.pdbx_seq_one_letter_code
_entity_poly.pdbx_strand_id
1 'polypeptide(L)'
;IVGGQECKDGECPWQALLINEENEGFCGGTILSEFYILTAAHCLYQAKRFKVRVGDRNTEQEEGGEAVHEVEVVIKHNRF
TKETYDFDIAVLRLKTPITFRMNVAPACLPERDWAESTLMTQKTGIVSGFGRTHEKGRQSTRLKMLEVPYVDRNSCKLSS
SFIITQNMFCAGYDTKQEDACQGDSGGPHVTRFKDTYFVTGIVSWGEGCARKGKYGIYTKVTAFLKWIDRSMKT
;
A
2 'polypeptide(L)' KLCSLDNGDCDQFCHEEQNSVVCSCARGYTLADNGKACIPTGPYPCGKQTLE L
#
# COMPACT_ATOMS: atom_id res chain seq x y z
N ILE A 1 -13.95 -2.05 0.34
CA ILE A 1 -13.98 -0.96 1.34
C ILE A 1 -15.42 -0.73 1.80
N VAL A 2 -15.65 -0.71 3.13
CA VAL A 2 -16.97 -0.43 3.69
C VAL A 2 -16.92 1.05 4.01
N GLY A 3 -17.86 1.83 3.46
CA GLY A 3 -17.87 3.28 3.65
C GLY A 3 -16.78 3.92 2.80
N GLY A 4 -16.22 5.02 3.25
CA GLY A 4 -15.19 5.68 2.49
C GLY A 4 -15.71 6.41 1.27
N GLN A 5 -14.82 6.62 0.28
CA GLN A 5 -15.11 7.35 -0.93
C GLN A 5 -14.48 6.70 -2.11
N GLU A 6 -15.04 7.01 -3.27
CA GLU A 6 -14.55 6.58 -4.55
C GLU A 6 -13.21 7.26 -4.79
N CYS A 7 -12.28 6.54 -5.45
CA CYS A 7 -11.03 7.13 -5.88
C CYS A 7 -11.42 7.88 -7.13
N LYS A 8 -11.24 9.20 -7.11
CA LYS A 8 -11.51 10.07 -8.26
C LYS A 8 -10.34 10.00 -9.20
N ASP A 9 -10.47 10.58 -10.39
CA ASP A 9 -9.43 10.54 -11.42
C ASP A 9 -8.04 10.94 -10.92
N GLY A 10 -7.09 10.01 -11.00
CA GLY A 10 -5.71 10.22 -10.59
C GLY A 10 -5.42 10.17 -9.11
N GLU A 11 -6.40 9.84 -8.27
CA GLU A 11 -6.20 9.84 -6.81
C GLU A 11 -5.51 8.63 -6.20
N CYS A 12 -5.65 7.44 -6.80
CA CYS A 12 -5.12 6.19 -6.27
C CYS A 12 -4.35 5.49 -7.40
N PRO A 13 -3.35 6.19 -8.04
CA PRO A 13 -2.71 5.61 -9.22
C PRO A 13 -1.86 4.36 -9.03
N TRP A 14 -1.50 4.06 -7.78
CA TRP A 14 -0.68 2.92 -7.39
C TRP A 14 -1.47 1.67 -7.13
N GLN A 15 -2.81 1.75 -7.27
CA GLN A 15 -3.68 0.58 -7.08
C GLN A 15 -3.52 -0.41 -8.24
N ALA A 16 -3.36 -1.68 -7.91
CA ALA A 16 -3.31 -2.77 -8.87
C ALA A 16 -4.42 -3.74 -8.46
N LEU A 17 -5.00 -4.47 -9.41
CA LEU A 17 -6.06 -5.42 -9.17
C LEU A 17 -5.64 -6.79 -9.68
N LEU A 18 -5.71 -7.81 -8.81
CA LEU A 18 -5.38 -9.19 -9.19
C LEU A 18 -6.66 -9.79 -9.75
N ILE A 19 -6.61 -10.30 -10.97
CA ILE A 19 -7.77 -10.84 -11.70
C ILE A 19 -7.54 -12.30 -12.05
N ASN A 20 -8.54 -13.15 -11.79
CA ASN A 20 -8.40 -14.58 -12.09
C ASN A 20 -8.71 -14.87 -13.58
N GLU A 21 -8.73 -16.17 -13.97
CA GLU A 21 -9.05 -16.66 -15.33
C GLU A 21 -10.37 -16.08 -15.87
N GLU A 22 -11.39 -15.96 -14.97
CA GLU A 22 -12.71 -15.40 -15.28
C GLU A 22 -12.73 -13.88 -15.43
N ASN A 23 -11.56 -13.22 -15.36
CA ASN A 23 -11.38 -11.76 -15.42
C ASN A 23 -12.09 -10.98 -14.25
N GLU A 24 -12.20 -11.61 -13.08
CA GLU A 24 -12.78 -10.96 -11.90
C GLU A 24 -11.73 -10.72 -10.81
N GLY A 25 -11.71 -9.48 -10.30
CA GLY A 25 -10.82 -9.05 -9.25
C GLY A 25 -11.03 -9.82 -7.97
N PHE A 26 -9.94 -10.24 -7.31
CA PHE A 26 -10.08 -11.01 -6.07
C PHE A 26 -9.20 -10.45 -4.95
N CYS A 27 -8.17 -9.67 -5.32
CA CYS A 27 -7.22 -9.08 -4.42
C CYS A 27 -6.64 -7.80 -4.99
N GLY A 28 -6.14 -6.94 -4.12
CA GLY A 28 -5.45 -5.74 -4.56
C GLY A 28 -3.95 -5.96 -4.60
N GLY A 29 -3.26 -4.93 -5.05
CA GLY A 29 -1.81 -4.88 -5.13
C GLY A 29 -1.36 -3.44 -5.13
N THR A 30 -0.08 -3.21 -4.84
CA THR A 30 0.48 -1.84 -4.93
C THR A 30 1.55 -1.81 -6.03
N ILE A 31 1.51 -0.81 -6.92
CA ILE A 31 2.53 -0.64 -7.93
C ILE A 31 3.76 -0.06 -7.27
N LEU A 32 4.90 -0.74 -7.38
CA LEU A 32 6.16 -0.25 -6.76
C LEU A 32 7.10 0.36 -7.80
N SER A 33 7.04 -0.12 -9.02
CA SER A 33 7.90 0.33 -10.12
C SER A 33 7.22 -0.25 -11.36
N GLU A 34 7.80 -0.06 -12.55
CA GLU A 34 7.20 -0.52 -13.78
C GLU A 34 7.11 -2.03 -13.91
N PHE A 35 7.97 -2.79 -13.23
CA PHE A 35 7.97 -4.26 -13.24
C PHE A 35 7.46 -4.95 -11.97
N TYR A 36 7.33 -4.22 -10.84
CA TYR A 36 6.95 -4.83 -9.56
C TYR A 36 5.65 -4.43 -8.88
N ILE A 37 4.94 -5.42 -8.36
CA ILE A 37 3.70 -5.27 -7.64
C ILE A 37 3.89 -5.90 -6.28
N LEU A 38 3.43 -5.19 -5.22
CA LEU A 38 3.45 -5.68 -3.85
C LEU A 38 2.02 -6.15 -3.54
N THR A 39 1.89 -7.34 -2.96
CA THR A 39 0.58 -7.92 -2.59
C THR A 39 0.68 -8.81 -1.33
N ALA A 40 -0.44 -9.44 -0.92
CA ALA A 40 -0.45 -10.33 0.23
C ALA A 40 -0.17 -11.74 -0.25
N ALA A 41 0.61 -12.52 0.52
CA ALA A 41 0.94 -13.92 0.19
C ALA A 41 -0.32 -14.78 0.12
N HIS A 42 -1.27 -14.56 1.05
CA HIS A 42 -2.51 -15.34 1.10
C HIS A 42 -3.40 -15.18 -0.12
N CYS A 43 -3.21 -14.07 -0.91
CA CYS A 43 -3.92 -13.80 -2.16
C CYS A 43 -3.53 -14.82 -3.25
N LEU A 44 -2.31 -15.34 -3.18
CA LEU A 44 -1.80 -16.31 -4.16
C LEU A 44 -2.53 -17.68 -4.09
N TYR A 45 -3.37 -17.89 -3.03
CA TYR A 45 -4.19 -19.09 -2.85
C TYR A 45 -5.61 -18.90 -3.40
N GLN A 46 -5.99 -17.66 -3.69
CA GLN A 46 -7.34 -17.33 -4.17
C GLN A 46 -7.61 -17.69 -5.63
N ALA A 47 -6.54 -17.95 -6.42
CA ALA A 47 -6.62 -18.27 -7.84
C ALA A 47 -5.38 -19.03 -8.32
N LYS A 48 -5.58 -19.97 -9.28
CA LYS A 48 -4.51 -20.79 -9.86
C LYS A 48 -3.65 -19.96 -10.81
N ARG A 49 -4.27 -19.35 -11.82
CA ARG A 49 -3.59 -18.46 -12.78
C ARG A 49 -4.22 -17.08 -12.62
N PHE A 50 -3.40 -16.04 -12.50
CA PHE A 50 -3.93 -14.69 -12.34
C PHE A 50 -3.08 -13.66 -13.07
N LYS A 51 -3.72 -12.57 -13.44
CA LYS A 51 -3.11 -11.41 -14.08
C LYS A 51 -3.23 -10.14 -13.21
N VAL A 52 -2.55 -9.08 -13.62
CA VAL A 52 -2.57 -7.83 -12.88
C VAL A 52 -3.16 -6.75 -13.75
N ARG A 53 -4.24 -6.14 -13.27
CA ARG A 53 -4.87 -5.02 -13.95
C ARG A 53 -4.47 -3.69 -13.25
N VAL A 54 -4.01 -2.69 -14.04
CA VAL A 54 -3.59 -1.35 -13.55
C VAL A 54 -4.44 -0.27 -14.29
N GLY A 55 -4.50 0.94 -13.73
CA GLY A 55 -5.25 2.04 -14.30
C GLY A 55 -6.75 1.86 -14.33
N ASP A 56 -7.23 0.80 -13.66
CA ASP A 56 -8.64 0.50 -13.57
C ASP A 56 -9.25 1.20 -12.36
N ARG A 57 -10.39 1.85 -12.56
CA ARG A 57 -11.10 2.53 -11.48
C ARG A 57 -12.52 1.99 -11.42
N ASN A 58 -13.02 1.53 -12.58
CA ASN A 58 -14.36 0.99 -12.78
C ASN A 58 -14.27 -0.29 -13.62
N THR A 59 -14.52 -1.46 -13.01
CA THR A 59 -14.44 -2.77 -13.69
C THR A 59 -15.49 -3.00 -14.79
N GLU A 60 -16.56 -2.19 -14.84
CA GLU A 60 -17.63 -2.33 -15.84
C GLU A 60 -17.23 -1.69 -17.16
N GLN A 61 -16.49 -0.57 -17.09
CA GLN A 61 -16.07 0.19 -18.26
C GLN A 61 -14.61 -0.01 -18.63
N GLU A 62 -14.36 -0.44 -19.88
CA GLU A 62 -13.02 -0.62 -20.43
C GLU A 62 -12.50 0.80 -20.67
N GLU A 63 -11.58 1.23 -19.81
CA GLU A 63 -11.04 2.59 -19.79
C GLU A 63 -9.93 2.84 -20.82
N GLY A 64 -9.24 3.96 -20.62
CA GLY A 64 -8.09 4.42 -21.38
C GLY A 64 -6.99 4.56 -20.36
N GLY A 65 -5.85 3.92 -20.62
CA GLY A 65 -4.74 3.90 -19.69
C GLY A 65 -4.75 2.61 -18.88
N GLU A 66 -5.90 1.89 -18.93
CA GLU A 66 -6.13 0.59 -18.31
C GLU A 66 -5.37 -0.50 -19.07
N ALA A 67 -4.58 -1.31 -18.34
CA ALA A 67 -3.77 -2.34 -18.94
C ALA A 67 -3.66 -3.60 -18.09
N VAL A 68 -3.61 -4.77 -18.77
CA VAL A 68 -3.47 -6.09 -18.18
C VAL A 68 -2.03 -6.55 -18.37
N HIS A 69 -1.43 -7.01 -17.29
CA HIS A 69 -0.05 -7.47 -17.21
C HIS A 69 -0.01 -8.87 -16.66
N GLU A 70 0.76 -9.71 -17.32
CA GLU A 70 0.97 -11.09 -16.94
C GLU A 70 2.11 -11.14 -15.96
N VAL A 71 2.05 -12.10 -15.07
CA VAL A 71 3.08 -12.27 -14.05
C VAL A 71 4.18 -13.20 -14.56
N GLU A 72 5.42 -12.75 -14.48
CA GLU A 72 6.56 -13.59 -14.82
C GLU A 72 6.96 -14.36 -13.56
N VAL A 73 7.25 -13.63 -12.45
CA VAL A 73 7.73 -14.22 -11.21
C VAL A 73 6.83 -13.88 -10.02
N VAL A 74 6.53 -14.90 -9.22
CA VAL A 74 5.81 -14.75 -7.96
C VAL A 74 6.87 -15.00 -6.87
N ILE A 75 7.12 -13.99 -6.03
CA ILE A 75 8.09 -14.08 -4.96
C ILE A 75 7.30 -14.02 -3.67
N LYS A 76 7.06 -15.21 -3.09
CA LYS A 76 6.27 -15.40 -1.88
C LYS A 76 7.21 -15.57 -0.70
N HIS A 77 6.83 -14.97 0.45
CA HIS A 77 7.60 -15.10 1.68
C HIS A 77 7.40 -16.52 2.24
N ASN A 78 8.48 -17.31 2.31
CA ASN A 78 8.49 -18.71 2.76
C ASN A 78 8.00 -18.93 4.21
N ARG A 79 7.90 -17.86 5.01
CA ARG A 79 7.47 -17.94 6.40
C ARG A 79 5.96 -17.75 6.57
N PHE A 80 5.20 -17.52 5.46
CA PHE A 80 3.74 -17.35 5.58
C PHE A 80 3.01 -18.68 5.83
N THR A 81 2.00 -18.63 6.71
CA THR A 81 1.12 -19.74 7.05
C THR A 81 -0.25 -19.23 7.40
N LYS A 82 -1.28 -19.93 6.95
CA LYS A 82 -2.67 -19.59 7.25
C LYS A 82 -3.06 -19.71 8.74
N GLU A 83 -2.23 -20.42 9.54
CA GLU A 83 -2.47 -20.63 10.97
C GLU A 83 -2.20 -19.36 11.77
N THR A 84 -1.28 -18.52 11.28
CA THR A 84 -0.91 -17.27 11.96
C THR A 84 -1.23 -16.00 11.15
N TYR A 85 -1.22 -16.10 9.80
CA TYR A 85 -1.34 -14.98 8.84
C TYR A 85 -0.11 -14.07 8.95
N ASP A 86 0.97 -14.59 9.57
CA ASP A 86 2.20 -13.85 9.71
C ASP A 86 2.91 -13.87 8.37
N PHE A 87 3.77 -12.87 8.13
CA PHE A 87 4.56 -12.74 6.88
C PHE A 87 3.64 -12.70 5.65
N ASP A 88 2.49 -11.98 5.78
CA ASP A 88 1.51 -11.91 4.69
C ASP A 88 1.94 -10.90 3.65
N ILE A 89 2.99 -11.28 2.88
CA ILE A 89 3.64 -10.47 1.86
C ILE A 89 4.11 -11.28 0.67
N ALA A 90 3.97 -10.70 -0.51
CA ALA A 90 4.50 -11.25 -1.76
C ALA A 90 4.84 -10.09 -2.69
N VAL A 91 5.78 -10.36 -3.59
CA VAL A 91 6.19 -9.45 -4.65
C VAL A 91 5.98 -10.15 -6.00
N LEU A 92 5.37 -9.45 -6.96
CA LEU A 92 5.17 -9.99 -8.30
C LEU A 92 6.00 -9.23 -9.30
N ARG A 93 6.73 -9.97 -10.16
CA ARG A 93 7.46 -9.38 -11.27
C ARG A 93 6.60 -9.60 -12.50
N LEU A 94 6.31 -8.52 -13.20
CA LEU A 94 5.52 -8.59 -14.41
C LEU A 94 6.38 -8.95 -15.61
N LYS A 95 5.75 -9.55 -16.62
CA LYS A 95 6.37 -9.95 -17.89
C LYS A 95 6.75 -8.70 -18.70
N THR A 96 5.86 -7.68 -18.68
CA THR A 96 6.04 -6.44 -19.43
C THR A 96 6.00 -5.25 -18.47
N PRO A 97 6.71 -4.13 -18.78
CA PRO A 97 6.69 -3.00 -17.83
C PRO A 97 5.39 -2.21 -17.90
N ILE A 98 4.91 -1.71 -16.74
CA ILE A 98 3.74 -0.84 -16.67
C ILE A 98 4.09 0.51 -17.34
N THR A 99 3.15 1.06 -18.12
CA THR A 99 3.25 2.38 -18.73
C THR A 99 2.61 3.32 -17.72
N PHE A 100 3.38 4.27 -17.19
CA PHE A 100 2.85 5.23 -16.24
C PHE A 100 2.11 6.32 -17.01
N ARG A 101 0.97 6.74 -16.51
CA ARG A 101 0.05 7.69 -17.16
C ARG A 101 -0.96 8.10 -16.09
N MET A 102 -1.99 8.89 -16.44
CA MET A 102 -3.03 9.25 -15.47
C MET A 102 -3.63 7.98 -14.92
N ASN A 103 -3.69 7.88 -13.59
CA ASN A 103 -4.19 6.71 -12.88
C ASN A 103 -3.24 5.55 -12.85
N VAL A 104 -2.00 5.72 -13.38
CA VAL A 104 -1.00 4.66 -13.33
C VAL A 104 0.33 5.25 -12.90
N ALA A 105 0.75 4.99 -11.65
CA ALA A 105 1.98 5.54 -11.08
C ALA A 105 2.38 4.73 -9.85
N PRO A 106 3.68 4.60 -9.52
CA PRO A 106 4.03 3.81 -8.34
C PRO A 106 3.95 4.60 -7.02
N ALA A 107 3.74 3.88 -5.90
CA ALA A 107 3.81 4.48 -4.56
C ALA A 107 5.31 4.44 -4.16
N CYS A 108 5.77 5.38 -3.32
CA CYS A 108 7.15 5.38 -2.83
C CYS A 108 7.36 4.36 -1.75
N LEU A 109 8.54 3.78 -1.75
CA LEU A 109 8.97 2.87 -0.69
C LEU A 109 9.79 3.73 0.26
N PRO A 110 9.41 3.81 1.53
CA PRO A 110 10.21 4.61 2.45
C PRO A 110 11.47 3.84 2.94
N GLU A 111 12.30 4.54 3.72
CA GLU A 111 13.43 3.96 4.42
C GLU A 111 12.87 3.57 5.76
N ARG A 112 13.32 2.43 6.30
CA ARG A 112 12.80 1.85 7.55
C ARG A 112 12.63 2.77 8.73
N ASP A 113 13.71 3.39 9.24
CA ASP A 113 13.66 4.23 10.45
C ASP A 113 12.77 5.43 10.30
N TRP A 114 12.89 6.11 9.16
CA TRP A 114 12.04 7.27 8.89
C TRP A 114 10.57 6.85 8.79
N ALA A 115 10.27 5.74 8.12
CA ALA A 115 8.88 5.27 8.06
C ALA A 115 8.31 5.01 9.47
N GLU A 116 9.11 4.39 10.36
CA GLU A 116 8.70 4.09 11.72
C GLU A 116 8.56 5.34 12.57
N SER A 117 9.57 6.26 12.53
CA SER A 117 9.48 7.49 13.34
C SER A 117 8.57 8.57 12.77
N THR A 118 8.46 8.68 11.44
CA THR A 118 7.70 9.76 10.79
C THR A 118 6.37 9.36 10.14
N LEU A 119 6.35 8.30 9.32
CA LEU A 119 5.12 7.86 8.67
C LEU A 119 4.15 7.18 9.62
N MET A 120 4.64 6.21 10.39
CA MET A 120 3.82 5.41 11.30
C MET A 120 3.29 6.24 12.45
N THR A 121 3.91 7.40 12.74
CA THR A 121 3.49 8.31 13.80
C THR A 121 2.47 9.36 13.33
N GLN A 122 2.14 9.41 12.02
CA GLN A 122 1.07 10.31 11.52
C GLN A 122 -0.27 9.80 12.11
N LYS A 123 -1.29 10.65 12.15
CA LYS A 123 -2.60 10.30 12.68
C LYS A 123 -3.25 9.21 11.84
N THR A 124 -3.13 9.30 10.49
CA THR A 124 -3.82 8.40 9.56
C THR A 124 -2.99 7.97 8.33
N GLY A 125 -3.52 6.95 7.66
CA GLY A 125 -3.07 6.42 6.39
C GLY A 125 -4.30 6.26 5.51
N ILE A 126 -4.13 5.80 4.28
CA ILE A 126 -5.27 5.62 3.36
C ILE A 126 -5.19 4.22 2.82
N VAL A 127 -6.28 3.47 2.95
CA VAL A 127 -6.39 2.12 2.40
C VAL A 127 -7.32 2.22 1.18
N SER A 128 -7.09 1.42 0.15
CA SER A 128 -7.97 1.47 -1.01
C SER A 128 -8.20 0.09 -1.56
N GLY A 129 -9.20 -0.05 -2.43
CA GLY A 129 -9.48 -1.33 -3.08
C GLY A 129 -10.86 -1.49 -3.68
N PHE A 130 -11.03 -2.60 -4.39
CA PHE A 130 -12.24 -3.04 -5.10
C PHE A 130 -13.00 -4.13 -4.28
N GLY A 131 -12.65 -4.29 -3.01
CA GLY A 131 -13.28 -5.28 -2.12
C GLY A 131 -14.73 -5.00 -1.78
N ARG A 132 -15.31 -5.88 -0.98
CA ARG A 132 -16.71 -5.81 -0.55
C ARG A 132 -17.05 -4.51 0.12
N THR A 133 -18.23 -3.95 -0.20
CA THR A 133 -18.74 -2.69 0.35
C THR A 133 -19.55 -2.88 1.66
N HIS A 134 -19.83 -4.15 2.01
CA HIS A 134 -20.50 -4.59 3.25
C HIS A 134 -19.93 -5.97 3.56
N GLU A 135 -19.81 -6.35 4.84
CA GLU A 135 -19.27 -7.65 5.25
C GLU A 135 -19.90 -8.77 4.42
N LYS A 136 -21.22 -8.68 4.19
CA LYS A 136 -21.93 -9.60 3.30
C LYS A 136 -22.26 -8.77 2.05
N GLY A 137 -21.50 -9.02 0.98
CA GLY A 137 -21.69 -8.33 -0.29
C GLY A 137 -20.83 -8.89 -1.41
N ARG A 138 -21.00 -8.32 -2.59
CA ARG A 138 -20.21 -8.69 -3.76
C ARG A 138 -18.99 -7.73 -3.82
N GLN A 139 -17.99 -8.07 -4.68
CA GLN A 139 -16.81 -7.24 -4.95
C GLN A 139 -17.30 -5.93 -5.59
N SER A 140 -16.77 -4.79 -5.15
CA SER A 140 -17.12 -3.48 -5.69
C SER A 140 -16.65 -3.38 -7.15
N THR A 141 -17.40 -2.65 -7.99
CA THR A 141 -17.00 -2.45 -9.40
C THR A 141 -16.20 -1.14 -9.51
N ARG A 142 -16.26 -0.33 -8.45
CA ARG A 142 -15.61 0.96 -8.32
C ARG A 142 -14.51 0.91 -7.26
N LEU A 143 -13.37 1.49 -7.60
CA LEU A 143 -12.23 1.60 -6.71
C LEU A 143 -12.57 2.61 -5.63
N LYS A 144 -12.45 2.16 -4.36
CA LYS A 144 -12.71 3.05 -3.24
C LYS A 144 -11.45 3.28 -2.41
N MET A 145 -11.48 4.32 -1.59
CA MET A 145 -10.40 4.67 -0.65
C MET A 145 -11.02 5.06 0.70
N LEU A 146 -10.24 4.92 1.76
CA LEU A 146 -10.70 5.26 3.09
C LEU A 146 -9.56 5.71 3.97
N GLU A 147 -9.70 6.89 4.56
CA GLU A 147 -8.73 7.42 5.49
C GLU A 147 -8.94 6.64 6.80
N VAL A 148 -7.85 6.02 7.32
CA VAL A 148 -7.90 5.19 8.55
C VAL A 148 -6.90 5.63 9.62
N PRO A 149 -7.37 5.91 10.86
CA PRO A 149 -6.41 6.29 11.91
C PRO A 149 -5.44 5.16 12.24
N TYR A 150 -4.22 5.52 12.57
CA TYR A 150 -3.29 4.52 13.06
C TYR A 150 -3.80 4.16 14.47
N VAL A 151 -3.80 2.87 14.79
CA VAL A 151 -4.27 2.38 16.09
C VAL A 151 -3.07 2.01 16.99
N ASP A 152 -3.12 2.48 18.27
CA ASP A 152 -2.14 2.19 19.32
C ASP A 152 -1.98 0.68 19.37
N ARG A 153 -0.74 0.21 19.37
CA ARG A 153 -0.38 -1.20 19.37
C ARG A 153 -1.02 -2.03 20.49
N ASN A 154 -1.15 -1.46 21.71
CA ASN A 154 -1.78 -2.14 22.85
C ASN A 154 -3.28 -2.37 22.62
N SER A 155 -4.01 -1.32 22.17
CA SER A 155 -5.44 -1.39 21.84
C SER A 155 -5.66 -2.42 20.74
N CYS A 156 -4.73 -2.46 19.76
CA CYS A 156 -4.78 -3.38 18.64
C CYS A 156 -4.76 -4.85 19.14
N LYS A 157 -3.79 -5.18 20.04
CA LYS A 157 -3.69 -6.54 20.57
C LYS A 157 -4.92 -6.90 21.43
N LEU A 158 -5.37 -5.97 22.28
CA LEU A 158 -6.54 -6.17 23.14
C LEU A 158 -7.82 -6.42 22.33
N SER A 159 -7.95 -5.75 21.18
CA SER A 159 -9.10 -5.85 20.29
C SER A 159 -9.28 -7.21 19.63
N SER A 160 -8.19 -7.95 19.47
CA SER A 160 -8.14 -9.17 18.70
C SER A 160 -8.11 -10.49 19.45
N SER A 161 -8.78 -11.47 18.84
CA SER A 161 -8.85 -12.85 19.27
C SER A 161 -7.50 -13.52 18.91
N PHE A 162 -6.95 -13.15 17.75
CA PHE A 162 -5.74 -13.69 17.15
C PHE A 162 -4.48 -12.95 17.57
N ILE A 163 -3.32 -13.62 17.44
CA ILE A 163 -2.05 -13.01 17.79
C ILE A 163 -1.64 -11.97 16.72
N ILE A 164 -1.47 -10.72 17.15
CA ILE A 164 -0.98 -9.62 16.31
C ILE A 164 0.54 -9.63 16.44
N THR A 165 1.24 -10.11 15.40
CA THR A 165 2.69 -10.17 15.39
C THR A 165 3.33 -8.78 15.14
N GLN A 166 4.67 -8.71 15.25
CA GLN A 166 5.44 -7.50 15.00
C GLN A 166 5.45 -7.16 13.50
N ASN A 167 5.05 -8.12 12.61
CA ASN A 167 4.96 -7.84 11.16
C ASN A 167 3.58 -7.28 10.79
N MET A 168 2.72 -7.03 11.79
CA MET A 168 1.38 -6.52 11.52
C MET A 168 1.11 -5.21 12.26
N PHE A 169 0.14 -4.41 11.79
CA PHE A 169 -0.34 -3.20 12.49
C PHE A 169 -1.86 -3.04 12.29
N CYS A 170 -2.51 -2.31 13.22
CA CYS A 170 -3.94 -1.99 13.20
C CYS A 170 -4.15 -0.63 12.67
N ALA A 171 -5.25 -0.45 11.97
CA ALA A 171 -5.73 0.86 11.54
C ALA A 171 -7.24 0.75 11.35
N GLY A 172 -7.94 1.78 11.73
CA GLY A 172 -9.39 1.79 11.62
C GLY A 172 -10.06 2.55 12.73
N TYR A 173 -11.34 2.27 12.91
CA TYR A 173 -12.18 2.94 13.90
C TYR A 173 -12.74 1.95 14.87
N ASP A 174 -12.95 2.41 16.10
CA ASP A 174 -13.52 1.59 17.16
C ASP A 174 -15.04 1.61 17.02
N THR A 175 -15.65 2.78 16.68
CA THR A 175 -17.11 2.95 16.58
C THR A 175 -17.60 3.10 15.15
N LYS A 176 -17.00 4.06 14.38
CA LYS A 176 -17.31 4.35 12.97
C LYS A 176 -17.22 3.06 12.15
N GLN A 177 -18.31 2.71 11.47
CA GLN A 177 -18.41 1.48 10.72
C GLN A 177 -17.96 1.57 9.26
N GLU A 178 -16.65 1.86 9.12
CA GLU A 178 -15.94 2.01 7.84
C GLU A 178 -14.60 1.34 7.98
N ASP A 179 -14.28 0.44 7.03
CA ASP A 179 -13.01 -0.29 7.03
C ASP A 179 -12.82 -1.02 5.73
N ALA A 180 -11.68 -1.69 5.58
CA ALA A 180 -11.37 -2.52 4.42
C ALA A 180 -12.16 -3.82 4.60
N CYS A 181 -12.26 -4.64 3.55
CA CYS A 181 -13.00 -5.89 3.62
C CYS A 181 -12.40 -6.91 2.68
N GLN A 182 -12.98 -8.12 2.60
CA GLN A 182 -12.56 -9.19 1.67
C GLN A 182 -12.49 -8.66 0.26
N GLY A 183 -11.40 -8.98 -0.42
CA GLY A 183 -11.16 -8.51 -1.78
C GLY A 183 -10.24 -7.31 -1.79
N ASP A 184 -10.12 -6.59 -0.65
CA ASP A 184 -9.20 -5.44 -0.51
C ASP A 184 -7.78 -5.95 -0.18
N SER A 185 -7.69 -7.21 0.26
CA SER A 185 -6.48 -7.93 0.64
C SER A 185 -5.40 -7.78 -0.44
N GLY A 186 -4.16 -7.52 0.00
CA GLY A 186 -3.02 -7.29 -0.88
C GLY A 186 -2.88 -5.85 -1.36
N GLY A 187 -3.94 -5.06 -1.20
CA GLY A 187 -3.98 -3.68 -1.65
C GLY A 187 -3.17 -2.72 -0.81
N PRO A 188 -3.11 -1.44 -1.26
CA PRO A 188 -2.26 -0.46 -0.56
C PRO A 188 -2.81 0.14 0.70
N HIS A 189 -1.91 0.34 1.65
CA HIS A 189 -2.12 1.21 2.81
C HIS A 189 -0.96 2.19 2.61
N VAL A 190 -1.28 3.43 2.29
CA VAL A 190 -0.31 4.49 2.06
C VAL A 190 -0.44 5.58 3.12
N THR A 191 0.67 6.24 3.43
CA THR A 191 0.71 7.39 4.33
C THR A 191 1.28 8.56 3.53
N ARG A 192 0.58 9.69 3.57
CA ARG A 192 0.97 10.94 2.93
C ARG A 192 1.92 11.68 3.82
N PHE A 193 3.01 12.17 3.22
CA PHE A 193 3.98 13.04 3.90
C PHE A 193 4.35 14.12 2.92
N LYS A 194 3.94 15.39 3.19
CA LYS A 194 4.15 16.57 2.31
C LYS A 194 3.74 16.28 0.86
N ASP A 195 2.50 15.83 0.64
CA ASP A 195 2.00 15.53 -0.73
C ASP A 195 2.64 14.35 -1.46
N THR A 196 3.39 13.50 -0.74
CA THR A 196 4.02 12.30 -1.31
C THR A 196 3.49 11.11 -0.53
N TYR A 197 3.01 10.09 -1.27
CA TYR A 197 2.41 8.90 -0.70
C TYR A 197 3.40 7.74 -0.68
N PHE A 198 3.64 7.23 0.53
CA PHE A 198 4.56 6.14 0.75
C PHE A 198 3.77 4.92 1.13
N VAL A 199 4.12 3.76 0.58
CA VAL A 199 3.45 2.52 0.96
C VAL A 199 3.93 2.04 2.33
N THR A 200 2.99 1.92 3.26
CA THR A 200 3.25 1.58 4.67
C THR A 200 2.64 0.26 5.06
N GLY A 201 1.61 -0.17 4.34
CA GLY A 201 0.97 -1.46 4.62
C GLY A 201 0.39 -2.19 3.45
N ILE A 202 0.11 -3.48 3.66
CA ILE A 202 -0.56 -4.39 2.75
C ILE A 202 -1.83 -4.90 3.50
N VAL A 203 -3.03 -4.65 2.96
CA VAL A 203 -4.28 -5.14 3.58
C VAL A 203 -4.10 -6.67 3.79
N SER A 204 -4.14 -7.09 5.06
CA SER A 204 -3.96 -8.51 5.37
C SER A 204 -5.27 -9.21 5.80
N TRP A 205 -5.86 -8.82 6.92
CA TRP A 205 -7.07 -9.49 7.41
C TRP A 205 -7.78 -8.63 8.41
N GLY A 206 -8.91 -9.11 8.88
CA GLY A 206 -9.71 -8.46 9.91
C GLY A 206 -10.79 -9.44 10.32
N GLU A 207 -11.40 -9.23 11.49
CA GLU A 207 -12.48 -10.08 11.99
C GLU A 207 -13.76 -9.45 11.47
N GLY A 208 -14.26 -10.01 10.38
CA GLY A 208 -15.37 -9.42 9.66
C GLY A 208 -14.89 -8.11 9.05
N CYS A 209 -15.82 -7.18 8.75
CA CYS A 209 -15.46 -5.88 8.17
C CYS A 209 -16.22 -4.80 8.85
N ALA A 210 -15.51 -3.71 9.22
CA ALA A 210 -16.06 -2.52 9.86
C ALA A 210 -16.77 -2.81 11.21
N ARG A 211 -16.51 -3.99 11.82
CA ARG A 211 -17.07 -4.36 13.13
C ARG A 211 -16.56 -3.43 14.23
N LYS A 212 -17.48 -2.98 15.10
CA LYS A 212 -17.21 -2.11 16.25
C LYS A 212 -16.19 -2.81 17.18
N GLY A 213 -15.22 -2.05 17.68
CA GLY A 213 -14.16 -2.61 18.52
C GLY A 213 -13.13 -3.45 17.79
N LYS A 214 -13.24 -3.58 16.46
CA LYS A 214 -12.29 -4.32 15.63
C LYS A 214 -11.60 -3.39 14.61
N TYR A 215 -10.47 -3.85 14.02
CA TYR A 215 -9.69 -3.03 13.09
C TYR A 215 -9.20 -3.81 11.89
N GLY A 216 -8.74 -3.08 10.87
CA GLY A 216 -8.09 -3.67 9.71
C GLY A 216 -6.68 -4.02 10.13
N ILE A 217 -6.21 -5.23 9.74
CA ILE A 217 -4.85 -5.68 10.06
C ILE A 217 -4.08 -5.66 8.76
N TYR A 218 -2.92 -5.01 8.81
CA TYR A 218 -2.04 -4.79 7.68
C TYR A 218 -0.68 -5.41 7.94
N THR A 219 0.00 -5.85 6.86
CA THR A 219 1.38 -6.32 6.93
C THR A 219 2.19 -5.03 6.99
N LYS A 220 3.09 -4.92 7.98
CA LYS A 220 3.93 -3.75 8.17
C LYS A 220 5.05 -3.79 7.14
N VAL A 221 4.95 -2.92 6.12
CA VAL A 221 5.89 -2.84 5.01
C VAL A 221 7.33 -2.58 5.47
N THR A 222 7.53 -1.75 6.52
CA THR A 222 8.88 -1.46 7.07
C THR A 222 9.67 -2.72 7.47
N ALA A 223 8.99 -3.73 8.00
CA ALA A 223 9.56 -5.01 8.43
C ALA A 223 10.11 -5.84 7.26
N PHE A 224 9.81 -5.47 5.99
CA PHE A 224 10.22 -6.27 4.84
C PHE A 224 10.92 -5.48 3.72
N LEU A 225 11.39 -4.27 4.01
CA LEU A 225 12.04 -3.41 3.00
C LEU A 225 13.25 -3.98 2.27
N LYS A 226 14.15 -4.67 3.02
CA LYS A 226 15.35 -5.33 2.49
C LYS A 226 14.93 -6.54 1.66
N TRP A 227 13.93 -7.29 2.16
CA TRP A 227 13.37 -8.44 1.48
C TRP A 227 12.69 -7.98 0.17
N ILE A 228 12.00 -6.81 0.21
CA ILE A 228 11.36 -6.18 -0.97
C ILE A 228 12.47 -5.75 -1.94
N ASP A 229 13.48 -5.02 -1.42
CA ASP A 229 14.59 -4.54 -2.22
C ASP A 229 15.29 -5.69 -2.94
N ARG A 230 15.63 -6.75 -2.18
CA ARG A 230 16.23 -7.99 -2.69
C ARG A 230 15.41 -8.60 -3.81
N SER A 231 14.07 -8.76 -3.60
CA SER A 231 13.13 -9.33 -4.58
C SER A 231 13.13 -8.60 -5.93
N MET A 232 13.43 -7.29 -5.93
CA MET A 232 13.45 -6.44 -7.13
C MET A 232 14.75 -6.54 -7.92
N LYS A 233 15.78 -7.17 -7.34
CA LYS A 233 17.07 -7.39 -7.99
C LYS A 233 16.99 -8.69 -8.84
N THR A 234 15.97 -9.54 -8.55
CA THR A 234 15.70 -10.82 -9.22
C THR A 234 14.33 -10.87 -9.94
N LYS B 1 16.72 18.94 18.55
CA LYS B 1 15.51 18.42 17.93
C LYS B 1 15.78 17.79 16.55
N LEU B 2 16.52 18.47 15.66
CA LEU B 2 16.92 18.01 14.32
C LEU B 2 15.77 17.40 13.49
N CYS B 3 15.82 16.10 13.15
CA CYS B 3 14.76 15.38 12.41
C CYS B 3 13.44 15.35 13.19
N SER B 4 13.46 15.59 14.52
CA SER B 4 12.22 15.56 15.33
C SER B 4 11.49 16.88 15.26
N LEU B 5 12.17 17.91 14.76
CA LEU B 5 11.58 19.21 14.56
C LEU B 5 11.27 19.39 13.07
N ASP B 6 9.99 19.18 12.71
CA ASP B 6 9.41 19.30 11.38
C ASP B 6 10.23 18.55 10.33
N ASN B 7 10.57 17.26 10.65
CA ASN B 7 11.34 16.41 9.75
C ASN B 7 12.69 17.03 9.31
N GLY B 8 13.24 17.93 10.14
CA GLY B 8 14.53 18.60 9.85
C GLY B 8 14.45 19.47 8.61
N ASP B 9 13.21 19.85 8.22
CA ASP B 9 12.86 20.66 7.04
C ASP B 9 13.10 19.88 5.75
N CYS B 10 13.27 18.56 5.85
CA CYS B 10 13.46 17.68 4.67
C CYS B 10 12.11 17.47 3.98
N ASP B 11 12.13 17.27 2.67
CA ASP B 11 10.93 16.92 1.93
C ASP B 11 10.56 15.47 2.22
N GLN B 12 11.59 14.60 2.35
CA GLN B 12 11.34 13.19 2.53
C GLN B 12 12.14 12.64 3.72
N PHE B 13 13.11 11.78 3.45
CA PHE B 13 13.87 11.14 4.50
C PHE B 13 14.77 12.08 5.28
N CYS B 14 14.73 11.95 6.59
CA CYS B 14 15.58 12.70 7.47
C CYS B 14 16.44 11.74 8.31
N HIS B 15 17.76 11.99 8.33
CA HIS B 15 18.75 11.24 9.11
C HIS B 15 19.61 12.19 9.93
N GLU B 16 20.05 11.71 11.08
CA GLU B 16 20.96 12.48 11.92
C GLU B 16 22.35 11.88 11.79
N GLU B 17 23.30 12.73 11.37
CA GLU B 17 24.71 12.38 11.19
C GLU B 17 25.51 13.48 11.85
N GLN B 18 26.43 13.12 12.79
CA GLN B 18 27.35 14.03 13.50
C GLN B 18 26.62 15.25 14.09
N ASN B 19 25.47 14.98 14.75
CA ASN B 19 24.57 15.95 15.38
C ASN B 19 23.94 16.97 14.39
N SER B 20 23.86 16.58 13.09
CA SER B 20 23.30 17.42 12.03
C SER B 20 22.22 16.68 11.19
N VAL B 21 21.30 17.46 10.57
CA VAL B 21 20.24 16.95 9.71
C VAL B 21 20.80 16.58 8.35
N VAL B 22 20.53 15.36 7.88
CA VAL B 22 20.91 14.95 6.52
C VAL B 22 19.60 14.47 5.84
N CYS B 23 19.20 15.17 4.74
CA CYS B 23 18.01 14.81 3.95
C CYS B 23 18.40 13.92 2.81
N SER B 24 17.46 13.06 2.40
CA SER B 24 17.58 12.20 1.22
C SER B 24 16.18 11.98 0.63
N CYS B 25 16.14 11.44 -0.58
CA CYS B 25 14.91 11.21 -1.34
C CYS B 25 14.74 9.75 -1.75
N ALA B 26 13.53 9.39 -2.22
CA ALA B 26 13.25 8.06 -2.74
C ALA B 26 13.76 8.03 -4.15
N ARG B 27 13.85 6.83 -4.74
CA ARG B 27 14.31 6.65 -6.11
C ARG B 27 13.36 7.34 -7.06
N GLY B 28 13.92 7.99 -8.06
CA GLY B 28 13.20 8.78 -9.04
C GLY B 28 13.16 10.25 -8.66
N TYR B 29 13.83 10.62 -7.56
CA TYR B 29 13.94 12.01 -7.07
C TYR B 29 15.39 12.34 -6.87
N THR B 30 15.75 13.62 -7.07
CA THR B 30 17.11 14.09 -6.77
C THR B 30 17.06 15.14 -5.68
N LEU B 31 17.99 15.06 -4.73
CA LEU B 31 18.08 16.06 -3.68
C LEU B 31 18.46 17.41 -4.32
N ALA B 32 17.69 18.46 -3.97
CA ALA B 32 17.88 19.82 -4.49
C ALA B 32 19.18 20.43 -3.94
N ASP B 33 19.61 21.56 -4.50
CA ASP B 33 20.84 22.27 -4.06
C ASP B 33 20.80 22.69 -2.60
N ASN B 34 19.60 23.05 -2.08
CA ASN B 34 19.40 23.43 -0.67
C ASN B 34 19.57 22.20 0.26
N GLY B 35 19.75 21.02 -0.33
CA GLY B 35 19.92 19.77 0.42
C GLY B 35 18.70 19.37 1.23
N LYS B 36 17.52 19.91 0.88
CA LYS B 36 16.27 19.63 1.63
C LYS B 36 15.15 19.09 0.71
N ALA B 37 14.87 19.79 -0.41
CA ALA B 37 13.79 19.43 -1.35
C ALA B 37 14.17 18.25 -2.20
N CYS B 38 13.13 17.55 -2.66
CA CYS B 38 13.30 16.37 -3.50
C CYS B 38 12.70 16.71 -4.85
N ILE B 39 13.50 16.63 -5.94
CA ILE B 39 13.07 16.97 -7.31
C ILE B 39 12.84 15.74 -8.15
N PRO B 40 11.65 15.56 -8.76
CA PRO B 40 11.43 14.41 -9.66
C PRO B 40 12.38 14.43 -10.89
N THR B 41 13.00 13.28 -11.19
CA THR B 41 13.94 13.10 -12.31
C THR B 41 13.27 12.92 -13.66
N GLY B 42 11.97 12.66 -13.66
CA GLY B 42 11.22 12.46 -14.88
C GLY B 42 9.74 12.43 -14.59
N PRO B 43 8.87 12.14 -15.60
CA PRO B 43 7.43 12.10 -15.31
C PRO B 43 7.07 10.85 -14.48
N TYR B 44 5.86 10.92 -13.89
CA TYR B 44 5.27 9.93 -13.00
C TYR B 44 6.18 9.53 -11.82
N PRO B 45 6.74 10.50 -11.05
CA PRO B 45 7.57 10.12 -9.88
C PRO B 45 6.73 9.37 -8.85
N CYS B 46 7.36 8.55 -8.02
CA CYS B 46 6.58 7.78 -7.05
C CYS B 46 5.84 8.68 -6.06
N GLY B 47 4.69 8.19 -5.61
CA GLY B 47 3.92 8.84 -4.56
C GLY B 47 3.23 10.12 -4.90
N LYS B 48 3.15 10.48 -6.20
CA LYS B 48 2.42 11.69 -6.62
C LYS B 48 1.14 11.31 -7.25
N GLN B 49 0.04 11.91 -6.79
CA GLN B 49 -1.28 11.67 -7.42
C GLN B 49 -1.21 12.24 -8.85
N THR B 50 -1.92 11.65 -9.79
CA THR B 50 -1.87 12.07 -11.20
C THR B 50 -3.10 12.95 -11.49
N LEU B 51 -3.22 14.08 -10.80
CA LEU B 51 -4.40 14.94 -10.91
C LEU B 51 -4.41 15.94 -12.05
N GLU B 52 -3.26 16.10 -12.70
CA GLU B 52 -3.14 17.04 -13.81
C GLU B 52 -3.24 16.32 -15.16
#